data_3M7Q
#
_entry.id   3M7Q
#
_cell.length_a   58.279
_cell.length_b   66.551
_cell.length_c   70.937
_cell.angle_alpha   90.00
_cell.angle_beta   90.00
_cell.angle_gamma   90.00
#
_symmetry.space_group_name_H-M   'P 21 21 21'
#
loop_
_entity.id
_entity.type
_entity.pdbx_description
1 polymer 'Cationic trypsin'
2 polymer 'Kunitz-type proteinase inhibitor SHPI-1'
3 non-polymer 'PHOSPHATE ION'
4 water water
#
loop_
_entity_poly.entity_id
_entity_poly.type
_entity_poly.pdbx_seq_one_letter_code
_entity_poly.pdbx_strand_id
1 'polypeptide(L)'
;IVGGYTCGANTVPYQVSLNSGYHFCGGSLINSQWVVSAAHCYKSGIQVRLGEDNINVVEGNEQFISASKSIVHPSYNSNT
LNNDIMLIKLKSAASLNSRVASISLPTSCASAGTQCLISGWGNTKSSGTSYPDVLKCLKAPILSDSSCKSAYPGQITSNM
FCAGYLEGGKDSCQGDSGGPVVCSGKLQGIVSWGSGCAQKNKPGVYTKVCNYVSWIKQTIASN
;
A
2 'polypeptide(L)' EAEASICSEPKKVGRCKGYFPRFYFDSETGKCTPFIYGGCGGNGNNFETLHQCRAICRALG B
#
loop_
_chem_comp.id
_chem_comp.type
_chem_comp.name
_chem_comp.formula
PO4 non-polymer 'PHOSPHATE ION' 'O4 P -3'
#
# COMPACT_ATOMS: atom_id res chain seq x y z
N ILE A 1 -2.46 -8.22 -4.64
CA ILE A 1 -3.08 -9.31 -3.81
C ILE A 1 -2.66 -10.66 -4.38
N VAL A 2 -1.99 -11.46 -3.55
CA VAL A 2 -1.56 -12.82 -3.94
C VAL A 2 -2.52 -13.85 -3.35
N GLY A 3 -3.00 -14.77 -4.18
CA GLY A 3 -3.85 -15.86 -3.72
C GLY A 3 -5.30 -15.49 -3.45
N GLY A 4 -5.72 -14.36 -4.00
CA GLY A 4 -7.08 -13.87 -3.83
C GLY A 4 -7.97 -14.19 -5.03
N TYR A 5 -8.98 -13.36 -5.24
CA TYR A 5 -9.94 -13.56 -6.33
C TYR A 5 -10.37 -12.23 -6.95
N THR A 6 -10.90 -12.28 -8.16
CA THR A 6 -11.48 -11.10 -8.79
C THR A 6 -12.72 -10.65 -8.00
N CYS A 7 -12.67 -9.41 -7.49
CA CYS A 7 -13.74 -8.90 -6.63
C CYS A 7 -15.09 -8.92 -7.35
N GLY A 8 -15.07 -8.46 -8.60
CA GLY A 8 -16.29 -8.15 -9.33
C GLY A 8 -16.45 -6.64 -9.38
N ALA A 9 -16.82 -6.12 -10.55
CA ALA A 9 -16.88 -4.68 -10.77
C ALA A 9 -17.68 -3.94 -9.70
N ASN A 10 -17.00 -2.97 -9.05
CA ASN A 10 -17.63 -2.04 -8.11
C ASN A 10 -18.24 -2.69 -6.85
N THR A 11 -17.78 -3.89 -6.51
CA THR A 11 -18.22 -4.58 -5.30
C THR A 11 -17.51 -4.05 -4.05
N VAL A 12 -16.48 -3.22 -4.26
CA VAL A 12 -15.74 -2.59 -3.16
C VAL A 12 -15.73 -1.09 -3.43
N PRO A 13 -16.90 -0.42 -3.27
CA PRO A 13 -17.06 0.95 -3.76
C PRO A 13 -16.27 2.03 -3.00
N TYR A 14 -15.68 1.66 -1.88
CA TYR A 14 -14.82 2.57 -1.10
C TYR A 14 -13.35 2.51 -1.53
N GLN A 15 -12.99 1.51 -2.34
CA GLN A 15 -11.62 1.36 -2.83
C GLN A 15 -11.31 2.41 -3.89
N VAL A 16 -10.24 3.17 -3.66
CA VAL A 16 -9.76 4.13 -4.66
C VAL A 16 -8.34 3.79 -5.12
N SER A 17 -7.96 4.33 -6.28
CA SER A 17 -6.60 4.24 -6.79
C SER A 17 -5.96 5.62 -6.70
N LEU A 18 -4.73 5.66 -6.18
CA LEU A 18 -3.94 6.89 -6.19
C LEU A 18 -3.05 6.88 -7.42
N ASN A 19 -3.13 7.96 -8.20
CA ASN A 19 -2.51 8.00 -9.52
C ASN A 19 -1.57 9.19 -9.70
N SER A 20 -0.35 8.87 -10.16
CA SER A 20 0.68 9.86 -10.45
C SER A 20 1.17 9.68 -11.89
N GLY A 21 0.21 9.54 -12.82
CA GLY A 21 0.52 9.15 -14.19
C GLY A 21 0.43 7.63 -14.35
N TYR A 22 0.25 6.95 -13.21
CA TYR A 22 0.07 5.51 -13.14
C TYR A 22 -0.40 5.17 -11.72
N HIS A 23 -1.03 4.01 -11.54
CA HIS A 23 -1.42 3.56 -10.21
C HIS A 23 -0.18 3.25 -9.36
N PHE A 24 -0.09 3.86 -8.17
CA PHE A 24 1.06 3.61 -7.28
C PHE A 24 0.70 3.14 -5.86
N CYS A 25 -0.54 3.39 -5.46
CA CYS A 25 -1.04 3.01 -4.14
C CYS A 25 -2.56 2.97 -4.16
N GLY A 26 -3.13 2.29 -3.18
CA GLY A 26 -4.58 2.32 -2.98
C GLY A 26 -4.95 3.30 -1.89
N GLY A 27 -6.25 3.35 -1.59
CA GLY A 27 -6.80 4.19 -0.51
C GLY A 27 -8.25 3.82 -0.26
N SER A 28 -8.81 4.36 0.81
CA SER A 28 -10.22 4.14 1.16
C SER A 28 -10.98 5.45 1.33
N LEU A 29 -12.12 5.57 0.65
CA LEU A 29 -12.99 6.74 0.83
C LEU A 29 -13.72 6.62 2.18
N ILE A 30 -13.50 7.58 3.08
CA ILE A 30 -14.13 7.53 4.41
C ILE A 30 -15.27 8.53 4.60
N ASN A 31 -15.32 9.52 3.72
CA ASN A 31 -16.46 10.41 3.56
C ASN A 31 -16.34 11.03 2.17
N SER A 32 -17.32 11.82 1.75
CA SER A 32 -17.35 12.27 0.36
C SER A 32 -16.12 13.08 -0.10
N GLN A 33 -15.38 13.66 0.85
CA GLN A 33 -14.24 14.52 0.50
C GLN A 33 -12.88 14.09 1.07
N TRP A 34 -12.84 12.94 1.73
CA TRP A 34 -11.60 12.48 2.38
C TRP A 34 -11.30 11.00 2.14
N VAL A 35 -10.02 10.74 1.87
CA VAL A 35 -9.49 9.39 1.63
C VAL A 35 -8.41 9.06 2.67
N VAL A 36 -8.44 7.83 3.19
CA VAL A 36 -7.41 7.30 4.07
C VAL A 36 -6.43 6.43 3.26
N SER A 37 -5.13 6.66 3.43
CA SER A 37 -4.08 5.87 2.77
C SER A 37 -2.88 5.70 3.71
N ALA A 38 -1.76 5.20 3.18
CA ALA A 38 -0.53 5.03 3.97
C ALA A 38 0.36 6.25 3.81
N ALA A 39 1.07 6.62 4.87
CA ALA A 39 2.00 7.74 4.84
C ALA A 39 3.13 7.57 3.83
N HIS A 40 3.58 6.33 3.60
CA HIS A 40 4.65 6.09 2.62
C HIS A 40 4.18 6.24 1.17
N CYS A 41 2.87 6.42 1.00
CA CYS A 41 2.29 6.72 -0.31
C CYS A 41 2.23 8.22 -0.59
N TYR A 42 2.81 9.05 0.29
CA TYR A 42 2.80 10.49 0.05
C TYR A 42 3.44 10.87 -1.28
N LYS A 43 2.69 11.63 -2.08
CA LYS A 43 3.19 12.29 -3.28
C LYS A 43 2.49 13.63 -3.44
N SER A 44 3.08 14.50 -4.26
CA SER A 44 2.45 15.78 -4.61
C SER A 44 1.67 15.63 -5.92
N GLY A 45 0.54 16.32 -6.02
CA GLY A 45 -0.27 16.32 -7.24
C GLY A 45 -0.97 15.00 -7.51
N ILE A 46 -1.34 14.30 -6.44
CA ILE A 46 -2.05 13.03 -6.55
C ILE A 46 -3.43 13.23 -7.19
N GLN A 47 -3.78 12.34 -8.11
CA GLN A 47 -5.14 12.24 -8.62
C GLN A 47 -5.78 10.99 -8.03
N VAL A 48 -6.94 11.16 -7.40
CA VAL A 48 -7.69 10.05 -6.82
C VAL A 48 -8.69 9.55 -7.84
N ARG A 49 -8.68 8.25 -8.09
CA ARG A 49 -9.60 7.62 -9.03
C ARG A 49 -10.60 6.75 -8.30
N LEU A 50 -11.87 7.12 -8.41
CA LEU A 50 -12.97 6.47 -7.71
C LEU A 50 -13.86 5.73 -8.70
N GLY A 51 -14.49 4.65 -8.23
CA GLY A 51 -15.36 3.84 -9.07
C GLY A 51 -14.63 3.01 -10.11
N GLU A 52 -13.35 2.76 -9.88
CA GLU A 52 -12.53 1.98 -10.82
C GLU A 52 -12.75 0.48 -10.66
N ASP A 53 -12.69 -0.25 -11.78
CA ASP A 53 -12.50 -1.69 -11.74
C ASP A 53 -11.24 -2.05 -12.52
N ASN A 54 -11.31 -1.92 -13.85
CA ASN A 54 -10.14 -2.10 -14.70
C ASN A 54 -9.34 -0.80 -14.75
N ILE A 55 -8.22 -0.74 -14.02
CA ILE A 55 -7.42 0.50 -13.94
C ILE A 55 -6.77 0.88 -15.26
N ASN A 56 -6.70 -0.07 -16.19
CA ASN A 56 -6.02 0.13 -17.47
C ASN A 56 -6.94 0.49 -18.63
N VAL A 57 -8.25 0.44 -18.40
CA VAL A 57 -9.24 0.72 -19.44
C VAL A 57 -10.25 1.75 -18.99
N VAL A 58 -10.47 2.78 -19.83
CA VAL A 58 -11.48 3.80 -19.54
C VAL A 58 -12.88 3.19 -19.75
N GLU A 59 -13.63 3.06 -18.65
CA GLU A 59 -14.98 2.52 -18.71
C GLU A 59 -15.99 3.60 -19.10
N GLY A 60 -15.89 4.76 -18.45
CA GLY A 60 -16.81 5.87 -18.65
C GLY A 60 -17.55 6.30 -17.40
N ASN A 61 -17.54 5.44 -16.37
CA ASN A 61 -18.27 5.69 -15.12
C ASN A 61 -17.37 6.06 -13.93
N GLU A 62 -16.07 6.22 -14.18
CA GLU A 62 -15.12 6.56 -13.12
C GLU A 62 -15.23 8.05 -12.77
N GLN A 63 -14.77 8.40 -11.56
CA GLN A 63 -14.56 9.82 -11.20
C GLN A 63 -13.08 10.04 -10.91
N PHE A 64 -12.48 11.03 -11.58
CA PHE A 64 -11.11 11.46 -11.32
C PHE A 64 -11.18 12.77 -10.55
N ILE A 65 -10.60 12.81 -9.35
CA ILE A 65 -10.58 14.04 -8.54
C ILE A 65 -9.19 14.31 -7.99
N SER A 66 -8.70 15.53 -8.23
CA SER A 66 -7.38 15.94 -7.74
C SER A 66 -7.37 16.09 -6.22
N ALA A 67 -6.25 15.71 -5.60
CA ALA A 67 -6.03 15.97 -4.18
C ALA A 67 -5.77 17.46 -3.97
N SER A 68 -6.43 18.03 -2.96
N SER A 68 -6.43 18.02 -2.96
CA SER A 68 -6.18 19.43 -2.59
CA SER A 68 -6.23 19.42 -2.57
C SER A 68 -5.22 19.53 -1.40
C SER A 68 -5.22 19.50 -1.42
N LYS A 69 -5.23 18.50 -0.56
CA LYS A 69 -4.34 18.42 0.62
C LYS A 69 -3.99 16.96 0.88
N SER A 70 -2.73 16.72 1.27
CA SER A 70 -2.30 15.40 1.75
C SER A 70 -1.55 15.58 3.06
N ILE A 71 -2.07 14.96 4.12
CA ILE A 71 -1.60 15.16 5.48
C ILE A 71 -1.18 13.83 6.10
N VAL A 72 0.12 13.64 6.32
CA VAL A 72 0.61 12.43 6.98
C VAL A 72 0.51 12.61 8.50
N HIS A 73 0.39 11.50 9.23
CA HIS A 73 0.39 11.59 10.69
C HIS A 73 1.69 12.25 11.19
N PRO A 74 1.57 13.20 12.14
CA PRO A 74 2.76 13.92 12.62
C PRO A 74 3.85 13.03 13.25
N SER A 75 3.48 11.83 13.69
CA SER A 75 4.42 10.90 14.31
C SER A 75 4.88 9.78 13.37
N TYR A 76 4.56 9.90 12.08
CA TYR A 76 5.02 8.91 11.10
C TYR A 76 6.56 8.79 11.09
N ASN A 77 7.03 7.56 11.13
CA ASN A 77 8.47 7.26 11.09
C ASN A 77 8.72 6.32 9.92
N SER A 78 9.45 6.79 8.90
CA SER A 78 9.67 6.00 7.69
C SER A 78 10.64 4.81 7.87
N ASN A 79 11.35 4.79 8.99
CA ASN A 79 12.28 3.70 9.31
C ASN A 79 11.60 2.52 10.01
N THR A 80 10.68 2.82 10.94
CA THR A 80 9.96 1.78 11.68
C THR A 80 8.55 1.54 11.12
N LEU A 81 8.07 2.50 10.34
CA LEU A 81 6.71 2.51 9.78
C LEU A 81 5.60 2.68 10.82
N ASN A 82 5.98 3.09 12.02
CA ASN A 82 4.99 3.45 13.04
C ASN A 82 4.18 4.66 12.58
N ASN A 83 2.85 4.59 12.76
CA ASN A 83 1.93 5.66 12.35
C ASN A 83 1.89 5.86 10.82
N ASP A 84 1.91 4.76 10.08
CA ASP A 84 1.88 4.78 8.62
C ASP A 84 0.44 5.04 8.14
N ILE A 85 0.01 6.30 8.27
CA ILE A 85 -1.34 6.74 7.87
C ILE A 85 -1.29 8.16 7.32
N MET A 86 -2.13 8.43 6.34
CA MET A 86 -2.20 9.72 5.65
C MET A 86 -3.64 9.99 5.28
N LEU A 87 -4.04 11.26 5.36
CA LEU A 87 -5.35 11.70 4.90
C LEU A 87 -5.20 12.57 3.66
N ILE A 88 -6.03 12.28 2.66
CA ILE A 88 -6.06 13.06 1.42
C ILE A 88 -7.42 13.75 1.30
N LYS A 89 -7.40 15.08 1.21
CA LYS A 89 -8.63 15.84 0.94
C LYS A 89 -8.81 15.99 -0.56
N LEU A 90 -10.01 15.70 -1.04
CA LEU A 90 -10.35 15.84 -2.45
C LEU A 90 -10.71 17.30 -2.74
N LYS A 91 -10.29 17.80 -3.91
CA LYS A 91 -10.58 19.19 -4.32
C LYS A 91 -12.09 19.49 -4.28
N SER A 92 -12.88 18.50 -4.68
CA SER A 92 -14.33 18.58 -4.61
C SER A 92 -14.87 17.27 -4.04
N ALA A 93 -16.05 17.33 -3.44
CA ALA A 93 -16.68 16.13 -2.89
C ALA A 93 -17.07 15.17 -4.00
N ALA A 94 -16.79 13.89 -3.79
CA ALA A 94 -17.18 12.86 -4.74
C ALA A 94 -18.69 12.73 -4.81
N SER A 95 -19.19 12.40 -6.00
N SER A 95 -19.19 12.38 -6.00
CA SER A 95 -20.58 12.05 -6.18
CA SER A 95 -20.61 12.08 -6.18
C SER A 95 -20.76 10.63 -5.67
C SER A 95 -20.87 10.63 -5.76
N LEU A 96 -21.65 10.46 -4.70
CA LEU A 96 -21.89 9.15 -4.11
C LEU A 96 -22.94 8.38 -4.90
N ASN A 97 -22.60 7.13 -5.23
CA ASN A 97 -23.52 6.25 -5.95
C ASN A 97 -23.18 4.78 -5.65
N SER A 98 -23.74 3.85 -6.42
CA SER A 98 -23.52 2.41 -6.20
C SER A 98 -22.07 1.97 -6.44
N ARG A 99 -21.29 2.83 -7.08
CA ARG A 99 -19.90 2.51 -7.42
C ARG A 99 -18.89 3.32 -6.59
N VAL A 100 -19.37 4.35 -5.90
CA VAL A 100 -18.52 5.26 -5.12
C VAL A 100 -19.21 5.52 -3.80
N ALA A 101 -18.68 4.95 -2.72
CA ALA A 101 -19.33 5.01 -1.42
C ALA A 101 -18.30 5.01 -0.31
N SER A 102 -18.63 5.64 0.81
N SER A 102 -18.62 5.65 0.80
CA SER A 102 -17.70 5.74 1.94
CA SER A 102 -17.71 5.73 1.94
C SER A 102 -17.79 4.54 2.88
C SER A 102 -17.74 4.44 2.76
N ILE A 103 -16.65 4.19 3.49
CA ILE A 103 -16.59 3.11 4.47
C ILE A 103 -16.48 3.70 5.88
N SER A 104 -17.20 3.13 6.83
CA SER A 104 -17.27 3.64 8.18
C SER A 104 -15.99 3.36 8.97
N LEU A 105 -15.66 4.25 9.89
CA LEU A 105 -14.53 4.06 10.82
C LEU A 105 -15.00 3.30 12.06
N PRO A 106 -14.10 2.50 12.67
CA PRO A 106 -14.49 1.70 13.83
C PRO A 106 -14.57 2.51 15.13
N THR A 107 -15.39 2.05 16.07
CA THR A 107 -15.43 2.63 17.41
C THR A 107 -14.61 1.79 18.39
N SER A 108 -14.39 0.53 18.05
N SER A 108 -14.39 0.53 18.04
CA SER A 108 -13.54 -0.37 18.82
CA SER A 108 -13.55 -0.38 18.81
C SER A 108 -12.61 -1.14 17.89
C SER A 108 -12.61 -1.12 17.88
N CYS A 109 -11.50 -1.62 18.43
CA CYS A 109 -10.52 -2.38 17.67
C CYS A 109 -11.03 -3.80 17.44
N ALA A 110 -10.64 -4.40 16.31
CA ALA A 110 -11.08 -5.74 15.98
C ALA A 110 -10.22 -6.80 16.68
N SER A 111 -10.79 -7.98 16.91
CA SER A 111 -10.12 -9.04 17.65
C SER A 111 -9.50 -10.11 16.75
N ALA A 112 -8.47 -10.78 17.26
CA ALA A 112 -7.85 -11.90 16.57
C ALA A 112 -8.89 -12.92 16.11
N GLY A 113 -8.73 -13.42 14.89
CA GLY A 113 -9.65 -14.39 14.32
C GLY A 113 -10.75 -13.80 13.45
N THR A 114 -11.00 -12.49 13.60
CA THR A 114 -12.00 -11.81 12.78
C THR A 114 -11.59 -11.86 11.31
N GLN A 115 -12.51 -12.28 10.44
CA GLN A 115 -12.26 -12.34 9.01
C GLN A 115 -12.51 -10.96 8.39
N CYS A 116 -11.56 -10.53 7.57
CA CYS A 116 -11.63 -9.21 6.94
C CYS A 116 -11.46 -9.32 5.43
N LEU A 117 -11.81 -8.25 4.72
CA LEU A 117 -11.64 -8.17 3.27
C LEU A 117 -10.53 -7.17 2.93
N ILE A 118 -9.51 -7.68 2.24
CA ILE A 118 -8.36 -6.87 1.81
C ILE A 118 -8.38 -6.80 0.28
N SER A 119 -8.19 -5.60 -0.26
CA SER A 119 -8.33 -5.42 -1.71
C SER A 119 -7.29 -4.50 -2.32
N GLY A 120 -7.06 -4.65 -3.62
CA GLY A 120 -6.14 -3.78 -4.35
C GLY A 120 -5.71 -4.27 -5.72
N TRP A 121 -4.95 -3.42 -6.39
CA TRP A 121 -4.44 -3.70 -7.75
C TRP A 121 -2.95 -4.06 -7.71
N GLY A 122 -2.48 -4.54 -6.57
CA GLY A 122 -1.07 -4.93 -6.40
C GLY A 122 -0.71 -6.25 -7.06
N ASN A 123 0.59 -6.59 -6.98
CA ASN A 123 1.13 -7.83 -7.57
C ASN A 123 0.35 -9.05 -7.08
N THR A 124 0.09 -9.98 -8.00
CA THR A 124 -0.66 -11.19 -7.66
C THR A 124 0.25 -12.41 -7.53
N LYS A 125 1.56 -12.19 -7.69
CA LYS A 125 2.55 -13.24 -7.45
C LYS A 125 3.65 -12.76 -6.50
N SER A 126 4.30 -13.72 -5.85
CA SER A 126 5.31 -13.48 -4.82
C SER A 126 6.72 -13.24 -5.38
N SER A 127 6.86 -13.39 -6.70
CA SER A 127 8.06 -12.98 -7.42
C SER A 127 7.64 -12.48 -8.81
N GLY A 128 8.58 -11.89 -9.54
CA GLY A 128 8.31 -11.43 -10.90
C GLY A 128 7.27 -10.32 -11.00
N THR A 129 6.52 -10.35 -12.10
CA THR A 129 5.60 -9.28 -12.46
C THR A 129 4.26 -9.88 -12.89
N SER A 130 3.25 -9.75 -12.03
CA SER A 130 1.92 -10.30 -12.30
C SER A 130 0.85 -9.33 -11.83
N TYR A 131 0.78 -8.18 -12.47
CA TYR A 131 -0.13 -7.11 -12.09
C TYR A 131 -1.47 -7.23 -12.80
N PRO A 132 -2.58 -7.14 -12.06
CA PRO A 132 -3.90 -7.34 -12.62
C PRO A 132 -4.44 -6.07 -13.30
N ASP A 133 -5.41 -6.26 -14.20
CA ASP A 133 -6.20 -5.16 -14.73
C ASP A 133 -7.29 -4.77 -13.75
N VAL A 134 -8.00 -5.78 -13.25
CA VAL A 134 -9.19 -5.58 -12.40
C VAL A 134 -8.88 -5.74 -10.92
N LEU A 135 -9.76 -5.20 -10.07
CA LEU A 135 -9.54 -5.22 -8.62
C LEU A 135 -9.57 -6.64 -8.04
N LYS A 136 -8.58 -6.94 -7.19
CA LYS A 136 -8.48 -8.24 -6.54
C LYS A 136 -8.85 -8.15 -5.07
N CYS A 137 -9.35 -9.27 -4.53
CA CYS A 137 -9.88 -9.33 -3.18
C CYS A 137 -9.30 -10.53 -2.44
N LEU A 138 -9.16 -10.40 -1.13
CA LEU A 138 -8.72 -11.51 -0.28
C LEU A 138 -9.44 -11.48 1.05
N LYS A 139 -10.01 -12.62 1.43
CA LYS A 139 -10.53 -12.80 2.78
C LYS A 139 -9.38 -13.32 3.65
N ALA A 140 -9.10 -12.61 4.75
CA ALA A 140 -7.99 -12.95 5.63
C ALA A 140 -8.33 -12.64 7.09
N PRO A 141 -7.94 -13.54 8.01
CA PRO A 141 -8.20 -13.30 9.43
C PRO A 141 -7.11 -12.46 10.11
N ILE A 142 -7.52 -11.67 11.10
CA ILE A 142 -6.58 -10.97 11.98
C ILE A 142 -5.86 -12.02 12.84
N LEU A 143 -4.54 -11.88 12.92
CA LEU A 143 -3.71 -12.79 13.71
C LEU A 143 -3.44 -12.21 15.10
N SER A 144 -3.20 -13.09 16.07
CA SER A 144 -2.89 -12.67 17.44
C SER A 144 -1.64 -11.78 17.45
N ASP A 145 -1.65 -10.81 18.36
CA ASP A 145 -0.48 -9.94 18.58
C ASP A 145 0.78 -10.76 18.84
N SER A 146 0.65 -11.83 19.61
N SER A 146 0.64 -11.83 19.62
CA SER A 146 1.79 -12.69 19.96
CA SER A 146 1.76 -12.71 19.97
C SER A 146 2.41 -13.38 18.74
C SER A 146 2.41 -13.35 18.74
N SER A 147 1.58 -13.89 17.84
CA SER A 147 2.08 -14.54 16.62
C SER A 147 2.67 -13.52 15.64
N CYS A 148 2.07 -12.34 15.58
CA CYS A 148 2.60 -11.23 14.77
C CYS A 148 4.02 -10.85 15.20
N LYS A 149 4.23 -10.70 16.51
CA LYS A 149 5.53 -10.36 17.08
C LYS A 149 6.57 -11.46 16.93
N SER A 150 6.13 -12.72 16.96
N SER A 150 6.13 -12.72 16.96
CA SER A 150 6.99 -13.87 16.74
CA SER A 150 6.99 -13.87 16.74
C SER A 150 7.48 -13.92 15.30
C SER A 150 7.49 -13.90 15.30
N ALA A 151 6.61 -13.55 14.37
CA ALA A 151 6.92 -13.50 12.94
C ALA A 151 7.88 -12.36 12.62
N TYR A 152 7.76 -11.26 13.35
CA TYR A 152 8.57 -10.06 13.12
C TYR A 152 9.15 -9.51 14.43
N PRO A 153 10.16 -10.21 15.00
CA PRO A 153 10.72 -9.80 16.29
C PRO A 153 11.22 -8.35 16.30
N GLY A 154 10.75 -7.58 17.28
CA GLY A 154 11.17 -6.20 17.48
C GLY A 154 10.72 -5.19 16.44
N GLN A 155 9.77 -5.59 15.59
CA GLN A 155 9.31 -4.76 14.47
C GLN A 155 7.86 -4.32 14.57
N ILE A 156 7.08 -4.98 15.43
CA ILE A 156 5.64 -4.71 15.55
C ILE A 156 5.37 -3.72 16.69
N THR A 157 4.79 -2.57 16.34
CA THR A 157 4.43 -1.57 17.34
C THR A 157 2.97 -1.73 17.78
N SER A 158 2.57 -0.96 18.79
CA SER A 158 1.20 -0.97 19.28
C SER A 158 0.19 -0.39 18.28
N ASN A 159 0.71 0.10 17.15
CA ASN A 159 -0.14 0.66 16.09
C ASN A 159 -0.18 -0.20 14.83
N MET A 160 0.16 -1.47 15.00
CA MET A 160 0.19 -2.41 13.89
C MET A 160 -0.52 -3.71 14.28
N PHE A 161 -1.07 -4.39 13.27
CA PHE A 161 -1.52 -5.78 13.43
C PHE A 161 -1.17 -6.61 12.20
N CYS A 162 -1.04 -7.92 12.39
CA CYS A 162 -0.85 -8.86 11.30
C CYS A 162 -2.19 -9.46 10.89
N ALA A 163 -2.34 -9.70 9.58
CA ALA A 163 -3.51 -10.41 9.07
C ALA A 163 -3.07 -11.28 7.89
N GLY A 164 -3.69 -12.44 7.75
CA GLY A 164 -3.32 -13.36 6.67
C GLY A 164 -3.11 -14.79 7.14
N TYR A 165 -2.08 -15.42 6.59
CA TYR A 165 -1.89 -16.86 6.70
C TYR A 165 -0.41 -17.18 6.91
N LEU A 166 -0.09 -17.84 8.02
CA LEU A 166 1.30 -18.18 8.34
C LEU A 166 1.90 -19.23 7.40
N GLU A 167 1.04 -20.00 6.74
CA GLU A 167 1.49 -21.03 5.79
C GLU A 167 1.94 -20.44 4.45
N GLY A 168 1.68 -19.15 4.24
CA GLY A 168 2.05 -18.47 3.00
C GLY A 168 1.01 -18.64 1.92
N GLY A 169 1.26 -18.04 0.76
CA GLY A 169 0.39 -18.20 -0.41
C GLY A 169 -0.71 -17.17 -0.60
N LYS A 170 -1.06 -16.45 0.47
CA LYS A 170 -2.18 -15.50 0.44
C LYS A 170 -1.84 -14.24 1.24
N ASP A 171 -1.77 -13.09 0.55
CA ASP A 171 -1.23 -11.86 1.15
C ASP A 171 -1.51 -10.63 0.26
N SER A 172 -1.27 -9.45 0.83
CA SER A 172 -1.19 -8.23 0.03
C SER A 172 0.25 -8.06 -0.47
N CYS A 173 0.45 -7.25 -1.51
CA CYS A 173 1.76 -7.13 -2.15
C CYS A 173 1.98 -5.74 -2.76
N GLN A 174 3.14 -5.52 -3.40
CA GLN A 174 3.48 -4.21 -3.96
C GLN A 174 2.38 -3.68 -4.88
N GLY A 175 1.93 -2.46 -4.62
CA GLY A 175 0.79 -1.86 -5.33
C GLY A 175 -0.49 -1.83 -4.49
N ASP A 176 -0.52 -2.61 -3.42
CA ASP A 176 -1.68 -2.65 -2.52
C ASP A 176 -1.62 -1.63 -1.39
N SER A 177 -0.44 -1.10 -1.11
CA SER A 177 -0.23 -0.13 -0.01
C SER A 177 -1.27 0.97 0.00
N GLY A 178 -1.71 1.33 1.21
CA GLY A 178 -2.70 2.39 1.41
C GLY A 178 -4.13 1.89 1.33
N GLY A 179 -4.30 0.67 0.81
CA GLY A 179 -5.63 0.09 0.61
C GLY A 179 -6.31 -0.43 1.87
N PRO A 180 -7.59 -0.78 1.76
CA PRO A 180 -8.42 -1.19 2.89
C PRO A 180 -8.27 -2.61 3.42
N VAL A 181 -8.39 -2.73 4.74
CA VAL A 181 -8.71 -3.99 5.41
C VAL A 181 -10.02 -3.72 6.14
N VAL A 182 -11.10 -4.35 5.67
CA VAL A 182 -12.44 -4.06 6.20
C VAL A 182 -13.01 -5.29 6.91
N CYS A 183 -13.42 -5.08 8.16
CA CYS A 183 -13.96 -6.15 9.01
C CYS A 183 -15.28 -5.69 9.60
N SER A 184 -16.33 -6.49 9.40
CA SER A 184 -17.68 -6.17 9.89
C SER A 184 -18.13 -4.76 9.46
N GLY A 185 -17.86 -4.41 8.21
CA GLY A 185 -18.28 -3.12 7.65
C GLY A 185 -17.53 -1.91 8.16
N LYS A 186 -16.39 -2.13 8.80
CA LYS A 186 -15.55 -1.03 9.34
C LYS A 186 -14.12 -1.11 8.81
N LEU A 187 -13.53 0.06 8.55
CA LEU A 187 -12.13 0.12 8.14
C LEU A 187 -11.20 -0.08 9.33
N GLN A 188 -10.66 -1.29 9.47
CA GLN A 188 -9.79 -1.61 10.59
C GLN A 188 -8.30 -1.51 10.26
N GLY A 189 -7.94 -1.63 8.98
CA GLY A 189 -6.53 -1.63 8.62
C GLY A 189 -6.22 -0.92 7.33
N ILE A 190 -4.95 -0.53 7.20
CA ILE A 190 -4.38 0.02 5.96
C ILE A 190 -3.20 -0.86 5.57
N VAL A 191 -3.16 -1.28 4.30
CA VAL A 191 -2.03 -2.06 3.80
C VAL A 191 -0.74 -1.26 3.99
N SER A 192 0.22 -1.84 4.70
CA SER A 192 1.45 -1.13 5.06
C SER A 192 2.71 -1.84 4.59
N TRP A 193 3.03 -2.98 5.19
CA TRP A 193 4.32 -3.63 4.93
C TRP A 193 4.32 -5.13 5.23
N GLY A 194 5.42 -5.77 4.85
CA GLY A 194 5.69 -7.17 5.15
C GLY A 194 7.05 -7.54 4.61
N SER A 195 7.56 -8.69 5.03
N SER A 195 7.56 -8.69 5.03
CA SER A 195 8.78 -9.26 4.47
CA SER A 195 8.79 -9.23 4.46
C SER A 195 8.41 -10.04 3.21
C SER A 195 8.45 -10.04 3.21
N GLY A 196 8.58 -9.39 2.05
CA GLY A 196 8.12 -9.97 0.79
C GLY A 196 6.60 -10.05 0.77
N CYS A 197 6.09 -10.98 -0.02
CA CYS A 197 4.64 -11.20 -0.11
C CYS A 197 4.36 -12.68 -0.06
N ALA A 198 3.39 -13.08 0.75
CA ALA A 198 2.88 -14.47 0.79
C ALA A 198 3.93 -15.51 1.17
N GLN A 199 4.95 -15.06 1.92
CA GLN A 199 6.00 -15.94 2.40
C GLN A 199 5.58 -16.64 3.69
N LYS A 200 6.09 -17.84 3.90
CA LYS A 200 5.84 -18.63 5.11
C LYS A 200 6.28 -17.85 6.35
N ASN A 201 5.39 -17.81 7.36
N ASN A 201 5.39 -17.82 7.36
CA ASN A 201 5.65 -17.13 8.64
CA ASN A 201 5.62 -17.13 8.64
C ASN A 201 5.97 -15.64 8.51
C ASN A 201 5.98 -15.65 8.50
N LYS A 202 5.52 -15.03 7.41
CA LYS A 202 5.71 -13.60 7.17
C LYS A 202 4.40 -12.97 6.67
N PRO A 203 3.39 -12.88 7.56
CA PRO A 203 2.09 -12.34 7.15
C PRO A 203 2.16 -10.83 6.92
N GLY A 204 1.17 -10.29 6.21
CA GLY A 204 1.10 -8.85 5.99
C GLY A 204 0.91 -8.08 7.29
N VAL A 205 1.51 -6.90 7.36
CA VAL A 205 1.38 -6.01 8.51
C VAL A 205 0.57 -4.76 8.09
N TYR A 206 -0.31 -4.33 8.99
CA TYR A 206 -1.34 -3.35 8.67
C TYR A 206 -1.44 -2.27 9.74
N THR A 207 -1.67 -1.02 9.32
CA THR A 207 -1.85 0.09 10.26
C THR A 207 -3.17 -0.09 11.01
N LYS A 208 -3.10 0.03 12.33
CA LYS A 208 -4.25 -0.21 13.20
C LYS A 208 -5.16 1.03 13.24
N VAL A 209 -6.14 1.07 12.34
CA VAL A 209 -6.97 2.27 12.12
C VAL A 209 -7.77 2.73 13.36
N CYS A 210 -8.18 1.78 14.20
CA CYS A 210 -8.95 2.13 15.40
C CYS A 210 -8.20 3.10 16.31
N ASN A 211 -6.87 3.10 16.22
CA ASN A 211 -6.02 4.00 17.00
C ASN A 211 -5.97 5.44 16.48
N TYR A 212 -6.55 5.65 15.30
CA TYR A 212 -6.44 6.93 14.61
C TYR A 212 -7.76 7.65 14.36
N VAL A 213 -8.86 7.08 14.86
CA VAL A 213 -10.19 7.63 14.61
C VAL A 213 -10.34 9.07 15.13
N SER A 214 -9.85 9.32 16.35
N SER A 214 -9.85 9.34 16.35
CA SER A 214 -9.88 10.66 16.94
CA SER A 214 -9.92 10.69 16.91
C SER A 214 -9.04 11.66 16.14
C SER A 214 -9.02 11.68 16.18
N TRP A 215 -7.85 11.22 15.73
CA TRP A 215 -6.95 12.06 14.92
C TRP A 215 -7.59 12.39 13.56
N ILE A 216 -8.22 11.40 12.95
CA ILE A 216 -8.93 11.59 11.69
C ILE A 216 -10.03 12.66 11.85
N LYS A 217 -10.87 12.49 12.89
CA LYS A 217 -11.98 13.42 13.15
C LYS A 217 -11.48 14.87 13.28
N GLN A 218 -10.45 15.08 14.09
CA GLN A 218 -9.91 16.43 14.30
C GLN A 218 -9.25 17.01 13.05
N THR A 219 -8.54 16.17 12.30
CA THR A 219 -7.89 16.61 11.05
C THR A 219 -8.92 17.11 10.03
N ILE A 220 -10.00 16.35 9.84
CA ILE A 220 -11.11 16.76 8.97
C ILE A 220 -11.72 18.08 9.47
N ALA A 221 -11.86 18.18 10.79
CA ALA A 221 -12.47 19.35 11.44
C ALA A 221 -11.62 20.63 11.39
N SER A 222 -10.35 20.50 11.02
N SER A 222 -10.35 20.50 11.02
CA SER A 222 -9.43 21.64 11.00
CA SER A 222 -9.43 21.65 10.99
C SER A 222 -8.86 21.92 9.61
C SER A 222 -8.97 22.02 9.59
N ASN A 223 -9.39 21.25 8.59
CA ASN A 223 -8.90 21.40 7.22
C ASN A 223 -9.99 21.53 6.17
N GLU B 1 38.98 4.74 -13.89
CA GLU B 1 38.56 4.99 -12.49
C GLU B 1 37.47 4.00 -12.07
N ALA B 2 37.63 3.42 -10.87
CA ALA B 2 36.66 2.48 -10.33
C ALA B 2 35.31 3.16 -10.10
N GLU B 3 34.23 2.43 -10.37
CA GLU B 3 32.88 2.94 -10.16
C GLU B 3 32.54 2.96 -8.66
N ALA B 4 31.47 3.69 -8.33
CA ALA B 4 30.97 3.77 -6.96
C ALA B 4 30.60 2.38 -6.42
N SER B 5 30.73 2.23 -5.11
N SER B 5 30.72 2.23 -5.10
CA SER B 5 30.41 0.98 -4.42
CA SER B 5 30.41 0.98 -4.42
C SER B 5 28.93 0.58 -4.54
C SER B 5 28.93 0.59 -4.51
N ILE B 6 28.08 1.56 -4.84
CA ILE B 6 26.64 1.31 -4.97
C ILE B 6 26.30 0.30 -6.07
N CYS B 7 27.13 0.23 -7.12
CA CYS B 7 26.94 -0.75 -8.20
C CYS B 7 27.02 -2.19 -7.71
N SER B 8 27.61 -2.40 -6.54
CA SER B 8 27.78 -3.75 -5.97
C SER B 8 26.68 -4.12 -4.97
N GLU B 9 25.82 -3.16 -4.66
CA GLU B 9 24.71 -3.37 -3.71
C GLU B 9 23.60 -4.21 -4.34
N PRO B 10 22.90 -5.04 -3.53
CA PRO B 10 21.82 -5.86 -4.09
C PRO B 10 20.56 -5.04 -4.36
N LYS B 11 19.70 -5.56 -5.24
CA LYS B 11 18.35 -5.02 -5.39
C LYS B 11 17.63 -5.09 -4.05
N LYS B 12 17.00 -3.98 -3.66
CA LYS B 12 16.25 -3.94 -2.41
C LYS B 12 14.86 -3.33 -2.60
N VAL B 13 13.85 -4.19 -2.72
CA VAL B 13 12.45 -3.77 -2.81
C VAL B 13 12.01 -3.09 -1.51
N GLY B 14 12.53 -3.59 -0.38
CA GLY B 14 12.13 -3.10 0.93
C GLY B 14 10.80 -3.68 1.36
N ARG B 15 10.34 -3.29 2.54
CA ARG B 15 9.16 -3.90 3.16
C ARG B 15 7.82 -3.27 2.75
N CYS B 16 7.84 -2.02 2.30
CA CYS B 16 6.59 -1.32 1.97
C CYS B 16 5.96 -1.89 0.69
N LYS B 17 4.64 -1.73 0.57
CA LYS B 17 3.91 -2.36 -0.54
C LYS B 17 3.36 -1.36 -1.56
N GLY B 18 4.11 -0.29 -1.78
CA GLY B 18 3.81 0.63 -2.87
C GLY B 18 4.30 0.11 -4.21
N TYR B 19 3.90 0.80 -5.28
CA TYR B 19 4.37 0.49 -6.63
C TYR B 19 5.16 1.71 -7.12
N PHE B 20 6.49 1.66 -6.95
CA PHE B 20 7.40 2.73 -7.35
C PHE B 20 8.38 2.20 -8.40
N PRO B 21 8.10 2.42 -9.69
CA PRO B 21 9.05 1.96 -10.72
C PRO B 21 10.41 2.65 -10.61
N ARG B 22 11.45 1.83 -10.51
CA ARG B 22 12.82 2.32 -10.36
C ARG B 22 13.77 1.46 -11.20
N PHE B 23 15.07 1.75 -11.08
CA PHE B 23 16.11 0.99 -11.79
C PHE B 23 17.24 0.65 -10.83
N TYR B 24 17.86 -0.51 -11.03
CA TYR B 24 19.02 -0.93 -10.24
C TYR B 24 20.06 -1.57 -11.16
N PHE B 25 21.33 -1.50 -10.77
CA PHE B 25 22.35 -2.22 -11.52
C PHE B 25 22.39 -3.67 -11.03
N ASP B 26 22.06 -4.60 -11.91
CA ASP B 26 22.12 -6.02 -11.61
C ASP B 26 23.56 -6.49 -11.79
N SER B 27 24.21 -6.82 -10.68
CA SER B 27 25.62 -7.24 -10.71
C SER B 27 25.82 -8.69 -11.15
N GLU B 28 24.71 -9.40 -11.39
CA GLU B 28 24.76 -10.75 -11.94
C GLU B 28 24.71 -10.74 -13.47
N THR B 29 23.75 -10.00 -14.04
CA THR B 29 23.65 -9.85 -15.49
C THR B 29 24.59 -8.77 -16.04
N GLY B 30 24.97 -7.83 -15.17
CA GLY B 30 25.84 -6.72 -15.55
C GLY B 30 25.15 -5.57 -16.26
N LYS B 31 23.86 -5.38 -16.00
CA LYS B 31 23.07 -4.34 -16.68
C LYS B 31 22.13 -3.60 -15.71
N CYS B 32 21.92 -2.31 -15.96
CA CYS B 32 20.85 -1.57 -15.30
C CYS B 32 19.51 -2.16 -15.74
N THR B 33 18.61 -2.35 -14.79
CA THR B 33 17.41 -3.18 -14.94
C THR B 33 16.23 -2.57 -14.19
N PRO B 34 15.02 -2.56 -14.80
CA PRO B 34 13.87 -2.05 -14.06
C PRO B 34 13.45 -2.97 -12.91
N PHE B 35 12.96 -2.38 -11.83
CA PHE B 35 12.32 -3.13 -10.76
C PHE B 35 11.26 -2.28 -10.06
N ILE B 36 10.38 -2.94 -9.30
CA ILE B 36 9.36 -2.24 -8.54
C ILE B 36 9.78 -2.12 -7.08
N TYR B 37 10.08 -0.88 -6.69
CA TYR B 37 10.48 -0.54 -5.33
C TYR B 37 9.22 -0.32 -4.51
N GLY B 38 9.25 -0.73 -3.24
CA GLY B 38 8.07 -0.65 -2.37
C GLY B 38 7.79 0.70 -1.74
N GLY B 39 8.77 1.58 -1.72
CA GLY B 39 8.58 2.95 -1.21
C GLY B 39 9.31 3.30 0.06
N CYS B 40 9.93 2.32 0.72
CA CYS B 40 10.70 2.58 1.96
C CYS B 40 11.90 1.67 2.14
N GLY B 41 12.91 2.18 2.85
CA GLY B 41 14.06 1.37 3.26
C GLY B 41 14.99 0.90 2.17
N GLY B 42 14.96 1.56 1.01
CA GLY B 42 15.82 1.19 -0.12
C GLY B 42 17.29 1.51 0.12
N ASN B 43 18.16 1.01 -0.75
CA ASN B 43 19.57 1.36 -0.70
C ASN B 43 19.98 2.32 -1.83
N GLY B 44 21.28 2.49 -2.03
CA GLY B 44 21.79 3.43 -3.04
C GLY B 44 21.64 2.96 -4.47
N ASN B 45 21.48 1.65 -4.65
CA ASN B 45 21.35 1.06 -5.99
C ASN B 45 19.89 1.14 -6.45
N ASN B 46 19.41 2.37 -6.62
CA ASN B 46 17.99 2.65 -6.78
C ASN B 46 17.84 4.01 -7.44
N PHE B 47 17.45 3.99 -8.71
CA PHE B 47 17.45 5.19 -9.55
C PHE B 47 16.07 5.42 -10.17
N GLU B 48 15.75 6.68 -10.43
CA GLU B 48 14.43 7.02 -10.98
C GLU B 48 14.35 6.82 -12.51
N THR B 49 15.49 6.94 -13.19
CA THR B 49 15.53 6.71 -14.63
C THR B 49 16.66 5.77 -15.03
N LEU B 50 16.51 5.15 -16.19
CA LEU B 50 17.53 4.25 -16.74
C LEU B 50 18.88 4.96 -16.93
N HIS B 51 18.85 6.17 -17.49
CA HIS B 51 20.10 6.91 -17.69
C HIS B 51 20.83 7.20 -16.38
N GLN B 52 20.08 7.57 -15.34
CA GLN B 52 20.68 7.86 -14.05
C GLN B 52 21.43 6.63 -13.50
N CYS B 53 20.83 5.46 -13.67
CA CYS B 53 21.47 4.19 -13.29
C CYS B 53 22.75 3.97 -14.10
N ARG B 54 22.63 4.12 -15.42
CA ARG B 54 23.75 3.85 -16.33
C ARG B 54 24.93 4.81 -16.14
N ALA B 55 24.63 6.06 -15.78
CA ALA B 55 25.66 7.06 -15.52
C ALA B 55 26.58 6.65 -14.38
N ILE B 56 26.02 5.95 -13.40
CA ILE B 56 26.78 5.49 -12.23
C ILE B 56 27.37 4.10 -12.47
N CYS B 57 26.63 3.25 -13.18
CA CYS B 57 26.99 1.85 -13.35
C CYS B 57 26.81 1.42 -14.81
N ARG B 58 27.90 1.46 -15.58
CA ARG B 58 27.84 1.12 -17.01
C ARG B 58 27.66 -0.38 -17.25
N ALA B 59 27.07 -0.73 -18.39
CA ALA B 59 26.82 -2.14 -18.73
C ALA B 59 28.12 -2.93 -18.88
N LEU B 60 28.15 -4.12 -18.30
CA LEU B 60 29.29 -5.04 -18.38
C LEU B 60 28.96 -6.27 -19.23
N GLY B 61 27.66 -6.55 -19.34
N GLY B 61 27.67 -6.58 -19.34
CA GLY B 61 27.17 -7.65 -20.17
CA GLY B 61 27.20 -7.75 -20.05
C GLY B 61 26.10 -7.17 -21.14
C GLY B 61 26.13 -7.44 -21.07
P PO4 C . -5.04 -13.82 -9.95
O1 PO4 C . -6.53 -14.04 -10.03
O2 PO4 C . -4.73 -12.45 -10.48
O3 PO4 C . -4.59 -13.94 -8.51
O4 PO4 C . -4.31 -14.83 -10.80
#